data_5HNF
#
_entry.id   5HNF
#
_cell.length_a   165.723
_cell.length_b   59.278
_cell.length_c   44.048
_cell.angle_alpha   90.00
_cell.angle_beta   94.20
_cell.angle_gamma   90.00
#
_symmetry.space_group_name_H-M   'C 1 2 1'
#
loop_
_entity.id
_entity.type
_entity.pdbx_description
1 polymer 'Restriction endonuclease R.BpuJI'
2 polymer "DNA (5'-D(*GP*(YPE)P*AP*CP*CP*CP*GP*TP*GP*GP*A)-3')"
3 polymer "DNA (5'-D(*TP*CP*CP*AP*CP*GP*GP*GP*TP*(YPF)P*C)-3')"
4 water water
#
loop_
_entity_poly.entity_id
_entity_poly.type
_entity_poly.pdbx_seq_one_letter_code
_entity_poly.pdbx_strand_id
1 'polypeptide(L)'
;GSHMNYNPEEQFRCTIIRGKAKNMLDNLLPAYANIIDDICPCDKASFVKDFNNRLIEILGEETTKKTLDNHRTEIAGKLF
GMFYEDDEVIFPSGRTNKYIEDSDQPAFFKDICFKFQFPNGMDKLDKVIEKVGAKIQIRQFPYILQVLLTADNNNIQLSK
DDIAYYVLNSLQVLQGKIKPIEVIEKIIEDRSNDITKKVRHPGKETSYSMQHIREQLNYLELANLIRIDGNLVKLNYREA
ENINYIAQFWGNKPEFNAYKYDFTSEDDKKSFFKDWQQYYSNVNSHKS
;
A
2 'polydeoxyribonucleotide' (DG)(YPE)(DA)(DC)(DC)(DC)(DG)(DT)(DG)(DG)(DA) L
3 'polydeoxyribonucleotide' (DT)(DC)(DC)(DA)(DC)(DG)(DG)(DG)(DT)(YPF)(DC) M
#
loop_
_chem_comp.id
_chem_comp.type
_chem_comp.name
_chem_comp.formula
DA DNA linking 2'-DEOXYADENOSINE-5'-MONOPHOSPHATE 'C10 H14 N5 O6 P'
DC DNA linking 2'-DEOXYCYTIDINE-5'-MONOPHOSPHATE 'C9 H14 N3 O7 P'
DG DNA linking 2'-DEOXYGUANOSINE-5'-MONOPHOSPHATE 'C10 H14 N5 O7 P'
DT DNA linking THYMIDINE-5'-MONOPHOSPHATE 'C10 H15 N2 O8 P'
YPE non-polymer '4-[8-(4-hydroxybut-1-yn-1-yl)pyren-1-yl]but-3-yn-1-yl dihydrogen phosphate' 'C24 H19 O5 P'
YPF non-polymer '4-[6-(4-oxidanylbut-1-ynyl)phenanthren-3-yl]but-3-ynyl dihydrogen phosphate' 'C22 H19 O5 P'
#
# COMPACT_ATOMS: atom_id res chain seq x y z
N ASN A 5 -18.85 -1.56 -21.08
CA ASN A 5 -18.26 -2.84 -20.73
C ASN A 5 -17.91 -2.97 -19.25
N TYR A 6 -17.48 -1.87 -18.63
CA TYR A 6 -17.10 -1.88 -17.22
C TYR A 6 -18.22 -2.44 -16.36
N ASN A 7 -17.92 -3.54 -15.67
CA ASN A 7 -18.88 -4.11 -14.74
C ASN A 7 -18.31 -4.30 -13.36
N PRO A 8 -18.60 -3.36 -12.46
CA PRO A 8 -18.06 -3.41 -11.11
C PRO A 8 -18.65 -4.54 -10.27
N GLU A 9 -19.68 -5.21 -10.77
CA GLU A 9 -20.25 -6.33 -10.02
C GLU A 9 -19.26 -7.49 -9.87
N GLU A 10 -18.26 -7.54 -10.74
CA GLU A 10 -17.16 -8.49 -10.54
C GLU A 10 -16.27 -7.94 -9.44
N GLN A 11 -16.46 -8.48 -8.24
CA GLN A 11 -15.78 -7.98 -7.05
C GLN A 11 -14.63 -8.90 -6.64
N PHE A 12 -13.57 -8.31 -6.08
CA PHE A 12 -12.42 -9.08 -5.73
C PHE A 12 -11.74 -8.43 -4.54
N ARG A 13 -11.70 -9.13 -3.41
CA ARG A 13 -10.96 -8.59 -2.26
C ARG A 13 -9.45 -8.71 -2.46
N CYS A 14 -8.77 -7.57 -2.31
CA CYS A 14 -7.37 -7.48 -2.62
C CYS A 14 -6.71 -6.64 -1.52
N THR A 15 -6.08 -7.29 -0.55
CA THR A 15 -5.64 -6.56 0.63
C THR A 15 -4.24 -5.98 0.54
N ILE A 16 -4.00 -5.10 1.50
CA ILE A 16 -2.66 -4.70 1.88
C ILE A 16 -2.53 -5.07 3.36
N ILE A 17 -1.28 -5.09 3.84
CA ILE A 17 -1.00 -5.40 5.24
C ILE A 17 -1.78 -4.51 6.20
N ARG A 18 -2.28 -5.10 7.28
CA ARG A 18 -3.06 -4.36 8.27
C ARG A 18 -2.13 -3.49 9.12
N GLY A 19 -2.52 -2.25 9.32
CA GLY A 19 -1.58 -1.33 9.96
C GLY A 19 -1.32 -1.54 11.44
N LYS A 20 -0.20 -0.98 11.92
CA LYS A 20 0.13 -1.03 13.32
C LYS A 20 0.69 0.30 13.81
N ALA A 21 0.87 1.27 12.91
CA ALA A 21 1.59 2.48 13.30
C ALA A 21 0.84 3.78 13.01
N LYS A 22 -0.42 3.74 12.60
CA LYS A 22 -1.13 4.98 12.24
C LYS A 22 -1.32 5.93 13.43
N ASN A 23 -1.93 5.46 14.52
CA ASN A 23 -2.19 6.33 15.68
C ASN A 23 -0.94 6.98 16.24
N MET A 24 0.14 6.20 16.31
CA MET A 24 1.35 6.70 16.92
C MET A 24 2.49 6.93 15.94
N LEU A 25 2.16 7.21 14.68
CA LEU A 25 3.14 7.29 13.60
C LEU A 25 4.25 8.28 13.88
N ASP A 26 3.90 9.42 14.44
CA ASP A 26 4.90 10.46 14.65
C ASP A 26 5.99 10.06 15.64
N ASN A 27 5.68 9.07 16.48
CA ASN A 27 6.69 8.45 17.34
C ASN A 27 7.25 7.18 16.74
N LEU A 28 6.39 6.37 16.10
CA LEU A 28 6.87 5.07 15.64
C LEU A 28 7.75 5.13 14.40
N LEU A 29 7.47 6.05 13.48
CA LEU A 29 8.29 6.09 12.27
C LEU A 29 9.73 6.49 12.59
N PRO A 30 9.95 7.54 13.41
CA PRO A 30 11.34 7.78 13.81
C PRO A 30 11.99 6.63 14.56
N ALA A 31 11.22 5.96 15.42
CA ALA A 31 11.74 4.80 16.14
C ALA A 31 12.18 3.70 15.18
N TYR A 32 11.29 3.28 14.27
CA TYR A 32 11.67 2.29 13.26
C TYR A 32 12.94 2.70 12.54
N ALA A 33 12.95 3.94 12.04
CA ALA A 33 14.10 4.40 11.25
C ALA A 33 15.40 4.49 12.05
N ASN A 34 15.32 4.97 13.28
CA ASN A 34 16.51 5.13 14.08
C ASN A 34 17.01 3.79 14.58
N ILE A 35 16.09 2.88 14.89
CA ILE A 35 16.52 1.54 15.27
C ILE A 35 17.29 0.87 14.13
N ILE A 36 16.68 0.87 12.96
CA ILE A 36 17.31 0.25 11.79
C ILE A 36 18.66 0.93 11.46
N ASP A 37 18.66 2.25 11.41
CA ASP A 37 19.90 2.99 11.14
C ASP A 37 21.02 2.71 12.15
N ASP A 38 20.62 2.51 13.41
CA ASP A 38 21.57 2.29 14.49
C ASP A 38 22.17 0.88 14.48
N ILE A 39 21.33 -0.14 14.34
CA ILE A 39 21.80 -1.52 14.50
C ILE A 39 22.26 -2.15 13.19
N CYS A 40 21.87 -1.58 12.06
CA CYS A 40 22.31 -2.08 10.74
C CYS A 40 23.51 -1.29 10.19
N PRO A 41 24.40 -1.95 9.43
CA PRO A 41 24.32 -3.34 8.96
C PRO A 41 24.69 -4.37 10.03
N CYS A 42 23.99 -5.49 10.03
CA CYS A 42 24.23 -6.57 10.98
C CYS A 42 23.63 -7.89 10.49
N ASP A 43 24.05 -9.02 11.06
CA ASP A 43 23.46 -10.27 10.60
C ASP A 43 22.02 -10.41 11.11
N LYS A 44 21.29 -11.39 10.56
CA LYS A 44 19.86 -11.48 10.82
C LYS A 44 19.53 -11.82 12.27
N ALA A 45 20.30 -12.72 12.87
CA ALA A 45 20.09 -13.03 14.28
C ALA A 45 20.22 -11.79 15.18
N SER A 46 21.24 -10.98 14.95
CA SER A 46 21.43 -9.75 15.72
C SER A 46 20.32 -8.76 15.41
N PHE A 47 19.89 -8.72 14.16
CA PHE A 47 18.86 -7.78 13.77
C PHE A 47 17.57 -8.07 14.53
N VAL A 48 17.15 -9.31 14.54
CA VAL A 48 15.90 -9.71 15.18
C VAL A 48 15.93 -9.38 16.66
N LYS A 49 17.02 -9.77 17.34
CA LYS A 49 17.17 -9.48 18.75
C LYS A 49 17.17 -7.97 19.06
N ASP A 50 18.01 -7.23 18.35
CA ASP A 50 18.30 -5.86 18.74
C ASP A 50 17.13 -4.95 18.35
N PHE A 51 16.47 -5.28 17.24
CA PHE A 51 15.30 -4.52 16.81
C PHE A 51 14.22 -4.65 17.88
N ASN A 52 13.90 -5.88 18.28
CA ASN A 52 12.82 -6.12 19.25
C ASN A 52 13.13 -5.47 20.60
N ASN A 53 14.39 -5.59 21.01
CA ASN A 53 14.79 -5.03 22.30
C ASN A 53 14.69 -3.52 22.31
N ARG A 54 14.93 -2.88 21.16
CA ARG A 54 14.72 -1.44 21.03
C ARG A 54 13.25 -1.05 20.94
N LEU A 55 12.48 -1.77 20.13
CA LEU A 55 11.09 -1.38 19.91
C LEU A 55 10.22 -1.54 21.15
N ILE A 56 10.52 -2.53 21.98
CA ILE A 56 9.71 -2.75 23.17
C ILE A 56 9.78 -1.54 24.12
N GLU A 57 10.88 -0.79 24.05
CA GLU A 57 11.02 0.42 24.85
C GLU A 57 9.95 1.44 24.46
N ILE A 58 9.54 1.39 23.19
CA ILE A 58 8.58 2.33 22.65
C ILE A 58 7.14 1.83 22.83
N LEU A 59 6.90 0.57 22.46
CA LEU A 59 5.54 0.01 22.55
C LEU A 59 5.08 -0.33 23.97
N GLY A 60 6.03 -0.57 24.86
CA GLY A 60 5.70 -0.89 26.24
C GLY A 60 6.10 -2.30 26.65
N GLU A 61 6.45 -2.46 27.92
CA GLU A 61 7.04 -3.71 28.40
C GLU A 61 6.09 -4.90 28.34
N GLU A 62 4.79 -4.61 28.26
N GLU A 62 4.78 -4.68 28.31
CA GLU A 62 3.74 -5.62 28.25
CA GLU A 62 3.87 -5.82 28.28
C GLU A 62 3.48 -6.17 26.84
C GLU A 62 3.75 -6.41 26.88
N THR A 63 4.26 -5.68 25.88
CA THR A 63 4.12 -6.08 24.46
C THR A 63 4.67 -7.49 24.25
N THR A 64 3.90 -8.37 23.60
CA THR A 64 4.39 -9.74 23.41
C THR A 64 5.48 -9.78 22.34
N LYS A 65 6.31 -10.81 22.40
CA LYS A 65 7.30 -11.03 21.35
C LYS A 65 6.64 -11.13 19.97
N LYS A 66 5.51 -11.81 19.89
CA LYS A 66 4.82 -11.95 18.62
C LYS A 66 4.46 -10.60 18.01
N THR A 67 3.97 -9.69 18.86
CA THR A 67 3.68 -8.34 18.38
C THR A 67 4.94 -7.63 17.87
N LEU A 68 6.03 -7.73 18.63
CA LEU A 68 7.29 -7.12 18.23
C LEU A 68 7.72 -7.68 16.88
N ASP A 69 7.72 -9.02 16.78
CA ASP A 69 8.06 -9.67 15.51
C ASP A 69 7.18 -9.17 14.37
N ASN A 70 5.88 -9.06 14.61
CA ASN A 70 4.99 -8.61 13.55
C ASN A 70 5.24 -7.16 13.12
N HIS A 71 5.53 -6.27 14.06
CA HIS A 71 5.96 -4.94 13.67
C HIS A 71 7.18 -5.00 12.75
N ARG A 72 8.16 -5.79 13.16
CA ARG A 72 9.39 -5.87 12.40
C ARG A 72 9.16 -6.38 10.99
N THR A 73 8.46 -7.50 10.86
CA THR A 73 8.35 -8.12 9.55
C THR A 73 7.27 -7.42 8.72
N GLU A 74 6.11 -7.15 9.32
CA GLU A 74 4.97 -6.66 8.52
C GLU A 74 5.09 -5.19 8.15
N ILE A 75 5.50 -4.37 9.12
CA ILE A 75 5.41 -2.91 8.95
C ILE A 75 6.79 -2.32 8.64
N ALA A 76 7.77 -2.48 9.51
CA ALA A 76 9.11 -1.99 9.18
C ALA A 76 9.66 -2.70 7.94
N GLY A 77 9.44 -4.01 7.81
CA GLY A 77 9.93 -4.74 6.66
C GLY A 77 9.08 -4.55 5.42
N LYS A 78 7.88 -5.12 5.40
CA LYS A 78 7.13 -5.14 4.14
C LYS A 78 6.43 -3.82 3.84
N LEU A 79 5.46 -3.42 4.65
CA LEU A 79 4.59 -2.32 4.26
C LEU A 79 5.31 -0.99 4.07
N PHE A 80 6.22 -0.69 4.96
CA PHE A 80 6.97 0.59 4.86
C PHE A 80 8.34 0.45 4.17
N GLY A 81 8.79 -0.78 3.92
CA GLY A 81 9.99 -1.03 3.13
C GLY A 81 11.22 -0.36 3.71
N MET A 82 11.51 -0.62 4.97
CA MET A 82 12.52 0.17 5.68
C MET A 82 13.88 -0.52 5.81
N PHE A 83 13.95 -1.80 5.48
CA PHE A 83 15.22 -2.55 5.48
C PHE A 83 15.14 -3.62 4.42
N TYR A 84 16.29 -4.19 4.08
CA TYR A 84 16.29 -5.30 3.15
C TYR A 84 17.44 -6.19 3.52
N GLU A 85 17.49 -7.36 2.90
CA GLU A 85 18.54 -8.31 3.22
C GLU A 85 19.34 -8.59 1.96
N ASP A 86 20.65 -8.60 2.11
CA ASP A 86 21.53 -8.99 1.02
C ASP A 86 22.79 -9.64 1.57
N ASP A 87 23.06 -10.86 1.12
CA ASP A 87 24.28 -11.57 1.51
C ASP A 87 24.30 -11.80 3.02
N GLU A 88 23.17 -12.28 3.55
CA GLU A 88 23.01 -12.63 4.96
CA GLU A 88 23.04 -12.64 4.97
C GLU A 88 22.95 -11.41 5.88
N VAL A 89 23.26 -10.23 5.34
CA VAL A 89 23.25 -8.99 6.13
C VAL A 89 21.93 -8.21 5.96
N ILE A 90 21.47 -7.55 7.03
CA ILE A 90 20.34 -6.63 6.96
C ILE A 90 20.82 -5.19 6.87
N PHE A 91 20.31 -4.45 5.89
CA PHE A 91 20.67 -3.05 5.65
C PHE A 91 19.45 -2.13 5.75
N PRO A 92 19.67 -0.88 6.14
CA PRO A 92 18.66 0.16 5.96
C PRO A 92 18.33 0.32 4.48
N SER A 93 17.06 0.50 4.16
CA SER A 93 16.65 0.69 2.77
C SER A 93 16.95 2.13 2.31
N GLY A 94 16.88 2.35 0.99
CA GLY A 94 16.96 3.71 0.45
C GLY A 94 15.88 4.66 0.97
N ARG A 95 14.69 4.11 1.20
CA ARG A 95 13.62 4.95 1.72
C ARG A 95 13.96 5.39 3.15
N THR A 96 14.49 4.47 3.95
CA THR A 96 14.90 4.83 5.31
C THR A 96 16.03 5.85 5.27
N ASN A 97 17.04 5.59 4.43
CA ASN A 97 18.20 6.44 4.31
C ASN A 97 17.81 7.86 3.99
N LYS A 98 16.81 8.03 3.13
CA LYS A 98 16.34 9.36 2.78
C LYS A 98 15.66 10.05 3.95
N TYR A 99 14.81 9.31 4.65
CA TYR A 99 14.02 9.83 5.76
C TYR A 99 14.95 10.25 6.93
N ILE A 100 15.99 9.45 7.16
CA ILE A 100 17.04 9.80 8.11
C ILE A 100 17.69 11.15 7.76
N GLU A 101 17.82 11.46 6.47
CA GLU A 101 18.40 12.75 6.08
C GLU A 101 17.41 13.93 6.12
N ASP A 102 16.11 13.68 5.92
CA ASP A 102 15.20 14.83 5.76
C ASP A 102 13.96 14.89 6.63
N SER A 103 13.66 13.83 7.37
CA SER A 103 12.53 13.75 8.29
C SER A 103 11.23 14.14 7.60
N ASP A 104 11.15 13.89 6.30
CA ASP A 104 9.98 14.31 5.51
C ASP A 104 8.97 13.17 5.41
N GLN A 105 8.02 13.19 6.33
CA GLN A 105 7.05 12.12 6.42
C GLN A 105 6.14 12.08 5.18
N PRO A 106 5.64 13.24 4.68
CA PRO A 106 4.87 13.13 3.46
C PRO A 106 5.63 12.55 2.28
N ALA A 107 6.92 12.82 2.14
CA ALA A 107 7.67 12.28 1.01
C ALA A 107 7.88 10.79 1.16
N PHE A 108 7.96 10.34 2.41
CA PHE A 108 8.10 8.91 2.70
C PHE A 108 6.87 8.18 2.16
N PHE A 109 5.70 8.74 2.47
CA PHE A 109 4.46 8.09 2.07
C PHE A 109 4.12 8.36 0.61
N LYS A 110 4.58 9.49 0.05
CA LYS A 110 4.48 9.70 -1.40
CA LYS A 110 4.42 9.67 -1.40
C LYS A 110 5.21 8.60 -2.16
N ASP A 111 6.39 8.25 -1.69
CA ASP A 111 7.18 7.23 -2.36
C ASP A 111 6.52 5.87 -2.27
N ILE A 112 6.00 5.55 -1.09
CA ILE A 112 5.23 4.33 -0.88
C ILE A 112 4.06 4.29 -1.88
N CYS A 113 3.29 5.37 -1.98
CA CYS A 113 2.16 5.39 -2.89
C CYS A 113 2.60 5.31 -4.34
N PHE A 114 3.75 5.89 -4.65
CA PHE A 114 4.20 5.87 -6.05
C PHE A 114 4.57 4.45 -6.49
N LYS A 115 5.21 3.72 -5.60
CA LYS A 115 5.73 2.38 -5.93
C LYS A 115 4.74 1.24 -5.68
N PHE A 116 3.70 1.50 -4.88
CA PHE A 116 2.75 0.42 -4.54
C PHE A 116 2.13 -0.13 -5.82
N GLN A 117 1.81 -1.43 -5.79
CA GLN A 117 1.14 -2.04 -6.90
C GLN A 117 0.54 -3.33 -6.44
N PHE A 118 -0.37 -3.88 -7.24
CA PHE A 118 -0.79 -5.27 -7.12
C PHE A 118 -0.50 -5.96 -8.46
N PRO A 119 0.03 -7.22 -8.43
CA PRO A 119 0.45 -7.94 -7.24
C PRO A 119 1.75 -7.38 -6.69
N ASN A 120 2.16 -7.85 -5.52
CA ASN A 120 3.40 -7.45 -4.91
C ASN A 120 3.98 -8.57 -4.05
N GLY A 121 5.18 -8.35 -3.55
CA GLY A 121 5.83 -9.34 -2.72
C GLY A 121 5.68 -9.05 -1.23
N MET A 122 4.68 -8.24 -0.84
CA MET A 122 4.36 -8.11 0.57
C MET A 122 3.48 -9.26 1.05
N ASP A 123 2.68 -9.81 0.14
CA ASP A 123 1.65 -10.80 0.47
C ASP A 123 2.26 -12.18 0.72
N LYS A 124 1.55 -13.01 1.49
CA LYS A 124 1.89 -14.42 1.58
C LYS A 124 1.82 -15.08 0.20
N LEU A 125 2.65 -16.09 -0.03
CA LEU A 125 2.67 -16.74 -1.34
C LEU A 125 1.29 -17.19 -1.86
N ASP A 126 0.46 -17.79 -1.02
CA ASP A 126 -0.83 -18.25 -1.53
C ASP A 126 -1.68 -17.07 -2.02
N LYS A 127 -1.51 -15.90 -1.42
CA LYS A 127 -2.27 -14.71 -1.85
C LYS A 127 -1.70 -14.12 -3.12
N VAL A 128 -0.37 -14.13 -3.25
CA VAL A 128 0.27 -13.75 -4.50
C VAL A 128 -0.22 -14.61 -5.65
N ILE A 129 -0.21 -15.92 -5.47
CA ILE A 129 -0.71 -16.81 -6.51
C ILE A 129 -2.17 -16.56 -6.86
N GLU A 130 -2.98 -16.25 -5.86
CA GLU A 130 -4.37 -15.86 -6.09
C GLU A 130 -4.49 -14.61 -6.95
N LYS A 131 -3.77 -13.57 -6.57
CA LYS A 131 -3.81 -12.33 -7.32
C LYS A 131 -3.25 -12.49 -8.74
N VAL A 132 -2.17 -13.23 -8.92
CA VAL A 132 -1.64 -13.50 -10.26
C VAL A 132 -2.60 -14.35 -11.09
N GLY A 133 -3.26 -15.29 -10.42
CA GLY A 133 -4.24 -16.11 -11.11
C GLY A 133 -5.43 -15.31 -11.59
N ALA A 134 -5.74 -14.22 -10.87
CA ALA A 134 -6.82 -13.33 -11.24
C ALA A 134 -6.38 -12.23 -12.22
N LYS A 135 -5.12 -12.31 -12.68
CA LYS A 135 -4.53 -11.35 -13.63
C LYS A 135 -4.61 -9.91 -13.14
N ILE A 136 -4.44 -9.73 -11.84
CA ILE A 136 -4.39 -8.40 -11.26
C ILE A 136 -3.11 -7.69 -11.71
N GLN A 137 -3.24 -6.44 -12.13
CA GLN A 137 -2.06 -5.62 -12.45
C GLN A 137 -2.47 -4.17 -12.48
N ILE A 138 -2.10 -3.45 -11.42
CA ILE A 138 -2.51 -2.06 -11.25
C ILE A 138 -1.53 -1.31 -10.37
N ARG A 139 -1.31 -0.06 -10.72
CA ARG A 139 -0.68 0.89 -9.82
C ARG A 139 -1.82 1.66 -9.18
N GLN A 140 -2.26 1.23 -8.00
CA GLN A 140 -3.53 1.71 -7.50
C GLN A 140 -3.53 3.18 -7.11
N PHE A 141 -2.42 3.75 -6.68
CA PHE A 141 -2.51 5.15 -6.24
C PHE A 141 -2.52 6.15 -7.40
N PRO A 142 -1.67 5.99 -8.42
CA PRO A 142 -1.94 6.74 -9.64
C PRO A 142 -3.40 6.56 -10.13
N TYR A 143 -3.95 5.36 -10.05
CA TYR A 143 -5.31 5.16 -10.53
C TYR A 143 -6.30 5.96 -9.68
N ILE A 144 -6.20 5.84 -8.36
CA ILE A 144 -7.12 6.57 -7.47
C ILE A 144 -7.02 8.06 -7.74
N LEU A 145 -5.81 8.60 -7.88
CA LEU A 145 -5.70 10.01 -8.15
C LEU A 145 -6.37 10.44 -9.46
N GLN A 146 -6.19 9.68 -10.54
CA GLN A 146 -6.87 10.00 -11.79
C GLN A 146 -8.41 9.92 -11.64
N VAL A 147 -8.91 8.92 -10.91
CA VAL A 147 -10.35 8.81 -10.64
C VAL A 147 -10.86 10.06 -9.90
N LEU A 148 -10.10 10.54 -8.91
CA LEU A 148 -10.49 11.74 -8.16
C LEU A 148 -10.45 12.99 -9.05
N LEU A 149 -9.42 13.10 -9.90
CA LEU A 149 -9.36 14.22 -10.87
C LEU A 149 -10.57 14.20 -11.80
N THR A 150 -10.89 13.01 -12.31
CA THR A 150 -11.99 12.85 -13.24
C THR A 150 -13.35 13.16 -12.56
N ALA A 151 -13.48 12.77 -11.30
CA ALA A 151 -14.68 13.11 -10.52
C ALA A 151 -14.83 14.62 -10.39
N ASP A 152 -13.72 15.29 -10.08
CA ASP A 152 -13.76 16.75 -9.99
C ASP A 152 -14.07 17.36 -11.35
N ASN A 153 -13.50 16.81 -12.43
CA ASN A 153 -13.80 17.32 -13.77
C ASN A 153 -15.30 17.35 -13.98
N ASN A 154 -15.95 16.33 -13.44
CA ASN A 154 -17.39 16.08 -13.60
C ASN A 154 -18.24 16.65 -12.47
N ASN A 155 -17.62 17.46 -11.61
CA ASN A 155 -18.33 18.12 -10.52
C ASN A 155 -19.09 17.14 -9.61
N ILE A 156 -18.51 15.99 -9.34
CA ILE A 156 -19.03 15.13 -8.28
C ILE A 156 -17.97 14.83 -7.23
N GLN A 157 -18.42 14.45 -6.05
CA GLN A 157 -17.51 14.05 -4.98
C GLN A 157 -17.68 12.57 -4.70
N LEU A 158 -16.57 11.90 -4.46
CA LEU A 158 -16.63 10.47 -4.19
C LEU A 158 -16.50 10.14 -2.73
N SER A 159 -17.22 9.11 -2.28
CA SER A 159 -17.08 8.64 -0.92
C SER A 159 -16.03 7.56 -0.81
N LYS A 160 -15.68 7.20 0.42
CA LYS A 160 -14.83 6.03 0.67
C LYS A 160 -15.49 4.75 0.10
N ASP A 161 -16.80 4.64 0.24
CA ASP A 161 -17.52 3.48 -0.31
C ASP A 161 -17.45 3.43 -1.84
N ASP A 162 -17.55 4.59 -2.49
CA ASP A 162 -17.33 4.65 -3.94
C ASP A 162 -15.95 4.13 -4.33
N ILE A 163 -14.90 4.63 -3.68
CA ILE A 163 -13.56 4.17 -4.01
C ILE A 163 -13.47 2.67 -3.76
N ALA A 164 -14.08 2.22 -2.67
CA ALA A 164 -13.99 0.81 -2.31
C ALA A 164 -14.66 -0.07 -3.36
N TYR A 165 -15.91 0.22 -3.70
CA TYR A 165 -16.68 -0.67 -4.54
C TYR A 165 -16.25 -0.62 -6.00
N TYR A 166 -16.07 0.59 -6.50
CA TYR A 166 -15.84 0.77 -7.93
C TYR A 166 -14.37 0.70 -8.33
N VAL A 167 -13.45 0.85 -7.38
CA VAL A 167 -12.04 0.83 -7.71
C VAL A 167 -11.31 -0.27 -6.94
N LEU A 168 -11.12 -0.11 -5.62
CA LEU A 168 -10.17 -0.97 -4.90
C LEU A 168 -10.68 -2.40 -4.65
N ASN A 169 -11.97 -2.66 -4.89
CA ASN A 169 -12.51 -4.01 -4.78
C ASN A 169 -13.12 -4.50 -6.09
N SER A 170 -12.88 -3.76 -7.18
CA SER A 170 -13.40 -4.13 -8.50
C SER A 170 -12.39 -4.94 -9.26
N LEU A 171 -12.76 -6.17 -9.63
CA LEU A 171 -11.83 -7.03 -10.37
C LEU A 171 -11.33 -6.37 -11.66
N GLN A 172 -12.23 -5.80 -12.45
CA GLN A 172 -11.84 -5.29 -13.75
C GLN A 172 -10.91 -4.11 -13.62
N VAL A 173 -11.14 -3.25 -12.62
CA VAL A 173 -10.23 -2.15 -12.37
C VAL A 173 -8.87 -2.67 -11.91
N LEU A 174 -8.85 -3.63 -10.98
CA LEU A 174 -7.60 -4.18 -10.45
C LEU A 174 -6.83 -4.93 -11.53
N GLN A 175 -7.55 -5.36 -12.57
CA GLN A 175 -6.95 -6.03 -13.71
C GLN A 175 -6.34 -5.04 -14.72
N GLY A 176 -6.56 -3.75 -14.50
CA GLY A 176 -5.97 -2.73 -15.34
C GLY A 176 -6.70 -2.53 -16.66
N LYS A 177 -7.96 -2.96 -16.69
CA LYS A 177 -8.72 -2.99 -17.93
C LYS A 177 -9.62 -1.78 -18.13
N ILE A 178 -9.76 -0.95 -17.09
CA ILE A 178 -10.79 0.10 -17.09
C ILE A 178 -10.20 1.51 -17.03
N LYS A 179 -10.73 2.42 -17.84
CA LYS A 179 -10.34 3.83 -17.76
C LYS A 179 -11.11 4.55 -16.65
N PRO A 180 -10.44 5.46 -15.94
CA PRO A 180 -11.13 6.23 -14.89
C PRO A 180 -12.43 6.90 -15.34
N ILE A 181 -12.49 7.36 -16.59
CA ILE A 181 -13.73 7.99 -17.03
C ILE A 181 -14.89 6.98 -17.04
N GLU A 182 -14.59 5.70 -17.31
CA GLU A 182 -15.62 4.65 -17.28
C GLU A 182 -16.17 4.47 -15.87
N VAL A 183 -15.28 4.58 -14.88
CA VAL A 183 -15.67 4.46 -13.48
C VAL A 183 -16.58 5.60 -13.09
N ILE A 184 -16.19 6.82 -13.45
CA ILE A 184 -16.97 7.98 -13.10
C ILE A 184 -18.36 7.93 -13.81
N GLU A 185 -18.38 7.56 -15.08
CA GLU A 185 -19.66 7.41 -15.79
C GLU A 185 -20.62 6.41 -15.13
N LYS A 186 -20.08 5.26 -14.74
CA LYS A 186 -20.84 4.26 -14.01
C LYS A 186 -21.36 4.78 -12.68
N ILE A 187 -20.52 5.49 -11.92
CA ILE A 187 -20.96 6.04 -10.65
C ILE A 187 -22.10 7.04 -10.84
N ILE A 188 -21.96 7.90 -11.83
CA ILE A 188 -23.01 8.88 -12.14
C ILE A 188 -24.29 8.17 -12.58
N GLU A 189 -24.15 7.11 -13.38
CA GLU A 189 -25.31 6.33 -13.79
C GLU A 189 -26.04 5.71 -12.59
N ASP A 190 -25.29 5.11 -11.66
CA ASP A 190 -25.88 4.41 -10.52
C ASP A 190 -26.60 5.40 -9.61
N ARG A 191 -25.97 6.56 -9.40
CA ARG A 191 -26.57 7.61 -8.60
C ARG A 191 -27.90 8.07 -9.18
N SER A 192 -27.97 8.19 -10.50
CA SER A 192 -29.20 8.70 -11.11
C SER A 192 -30.32 7.70 -10.94
N ASN A 193 -29.98 6.45 -10.66
CA ASN A 193 -30.99 5.43 -10.43
C ASN A 193 -31.15 5.14 -8.93
N ASP A 194 -30.61 6.03 -8.12
CA ASP A 194 -30.62 5.91 -6.66
C ASP A 194 -30.00 4.60 -6.18
N ILE A 195 -28.87 4.23 -6.79
CA ILE A 195 -28.12 3.06 -6.35
C ILE A 195 -26.84 3.50 -5.67
N THR A 196 -26.73 3.11 -4.40
CA THR A 196 -25.55 3.37 -3.59
C THR A 196 -24.87 2.02 -3.40
N LYS A 197 -23.60 1.92 -3.76
CA LYS A 197 -22.93 0.63 -3.64
C LYS A 197 -21.88 0.63 -2.52
N LYS A 198 -21.79 -0.49 -1.81
CA LYS A 198 -20.76 -0.67 -0.79
C LYS A 198 -20.21 -2.08 -0.89
N VAL A 199 -18.99 -2.26 -0.42
CA VAL A 199 -18.36 -3.57 -0.41
C VAL A 199 -19.00 -4.36 0.72
N ARG A 200 -19.44 -5.57 0.44
CA ARG A 200 -20.09 -6.39 1.45
C ARG A 200 -19.55 -7.80 1.35
N HIS A 201 -19.35 -8.46 2.47
CA HIS A 201 -19.03 -9.90 2.50
C HIS A 201 -19.94 -10.60 3.46
N PRO A 202 -20.53 -11.73 3.04
CA PRO A 202 -21.54 -12.34 3.89
C PRO A 202 -21.01 -12.84 5.24
N GLY A 203 -21.64 -12.39 6.32
CA GLY A 203 -21.21 -12.81 7.64
C GLY A 203 -19.90 -12.24 8.15
N LYS A 204 -19.34 -11.25 7.46
CA LYS A 204 -18.05 -10.68 7.88
C LYS A 204 -18.18 -9.31 8.47
N GLU A 205 -17.25 -8.98 9.34
CA GLU A 205 -17.22 -7.65 9.94
C GLU A 205 -16.66 -6.61 8.99
N THR A 206 -16.99 -5.34 9.28
CA THR A 206 -16.51 -4.25 8.43
C THR A 206 -14.99 -4.17 8.29
N SER A 207 -14.22 -4.48 9.32
CA SER A 207 -12.77 -4.47 9.15
C SER A 207 -12.32 -5.42 8.04
N TYR A 208 -12.99 -6.57 7.91
CA TYR A 208 -12.61 -7.52 6.88
C TYR A 208 -12.80 -6.91 5.47
N SER A 209 -13.95 -6.27 5.30
CA SER A 209 -14.33 -5.70 4.02
C SER A 209 -13.60 -4.39 3.68
N MET A 210 -13.32 -3.59 4.70
CA MET A 210 -12.91 -2.22 4.42
C MET A 210 -11.60 -1.76 5.01
N GLN A 211 -11.01 -2.47 5.97
CA GLN A 211 -9.88 -1.85 6.67
C GLN A 211 -8.69 -1.59 5.73
N HIS A 212 -8.42 -2.51 4.81
CA HIS A 212 -7.32 -2.29 3.85
C HIS A 212 -7.63 -1.22 2.82
N ILE A 213 -8.92 -0.94 2.61
CA ILE A 213 -9.32 0.09 1.66
C ILE A 213 -9.16 1.44 2.37
N ARG A 214 -9.68 1.56 3.59
CA ARG A 214 -9.48 2.79 4.35
C ARG A 214 -7.97 3.04 4.55
N GLU A 215 -7.21 1.99 4.84
CA GLU A 215 -5.78 2.25 5.11
C GLU A 215 -4.97 2.59 3.86
N GLN A 216 -5.31 2.05 2.69
CA GLN A 216 -4.70 2.58 1.47
C GLN A 216 -4.96 4.10 1.36
N LEU A 217 -6.21 4.50 1.57
CA LEU A 217 -6.52 5.95 1.57
C LEU A 217 -5.72 6.69 2.66
N ASN A 218 -5.52 6.09 3.85
CA ASN A 218 -4.73 6.73 4.91
C ASN A 218 -3.32 7.06 4.43
N TYR A 219 -2.70 6.17 3.63
CA TYR A 219 -1.31 6.41 3.23
C TYR A 219 -1.26 7.50 2.17
N LEU A 220 -2.30 7.59 1.33
CA LEU A 220 -2.41 8.66 0.34
C LEU A 220 -2.61 10.01 1.03
N GLU A 221 -3.31 9.99 2.17
CA GLU A 221 -3.51 11.20 2.97
C GLU A 221 -2.20 11.56 3.68
N LEU A 222 -1.47 10.56 4.18
CA LEU A 222 -0.17 10.86 4.82
C LEU A 222 0.82 11.38 3.80
N ALA A 223 0.63 11.05 2.53
CA ALA A 223 1.49 11.59 1.47
C ALA A 223 1.09 13.03 1.11
N ASN A 224 0.06 13.50 1.80
CA ASN A 224 -0.52 14.85 1.66
C ASN A 224 -1.20 15.10 0.33
N LEU A 225 -1.66 14.05 -0.34
CA LEU A 225 -2.25 14.23 -1.67
C LEU A 225 -3.79 14.27 -1.64
N ILE A 226 -4.38 13.73 -0.57
CA ILE A 226 -5.82 13.78 -0.32
C ILE A 226 -6.12 14.18 1.12
N ARG A 227 -7.39 14.46 1.34
CA ARG A 227 -7.97 14.64 2.67
C ARG A 227 -9.16 13.71 2.75
N ILE A 228 -9.28 12.92 3.82
CA ILE A 228 -10.51 12.16 4.09
C ILE A 228 -11.35 13.07 4.96
N ASP A 229 -12.42 13.59 4.37
CA ASP A 229 -13.27 14.55 5.04
C ASP A 229 -14.62 13.90 5.31
N GLY A 230 -14.77 13.31 6.49
CA GLY A 230 -15.98 12.58 6.81
C GLY A 230 -16.13 11.37 5.92
N ASN A 231 -17.17 11.33 5.11
CA ASN A 231 -17.35 10.19 4.22
C ASN A 231 -16.60 10.36 2.89
N LEU A 232 -16.11 11.57 2.64
CA LEU A 232 -15.67 11.91 1.30
C LEU A 232 -14.17 11.89 1.17
N VAL A 233 -13.70 11.66 -0.05
CA VAL A 233 -12.28 11.65 -0.35
C VAL A 233 -12.04 12.80 -1.30
N LYS A 234 -11.15 13.70 -0.92
CA LYS A 234 -10.95 14.95 -1.66
C LYS A 234 -9.46 15.17 -1.94
N LEU A 235 -9.16 15.63 -3.14
CA LEU A 235 -7.79 16.00 -3.47
C LEU A 235 -7.34 17.24 -2.70
N ASN A 236 -6.05 17.25 -2.37
CA ASN A 236 -5.43 18.42 -1.79
C ASN A 236 -4.75 19.20 -2.90
N TYR A 237 -5.40 20.25 -3.40
CA TYR A 237 -4.87 20.90 -4.59
C TYR A 237 -3.67 21.80 -4.30
N ARG A 238 -3.28 21.90 -3.04
CA ARG A 238 -2.03 22.57 -2.71
C ARG A 238 -0.88 21.72 -3.24
N GLU A 239 -1.17 20.45 -3.48
CA GLU A 239 -0.24 19.50 -4.11
C GLU A 239 -0.66 19.15 -5.52
N ALA A 240 -1.28 20.08 -6.24
CA ALA A 240 -1.76 19.79 -7.57
C ALA A 240 -0.64 19.30 -8.50
N GLU A 241 0.56 19.84 -8.40
CA GLU A 241 1.61 19.37 -9.30
C GLU A 241 1.95 17.90 -9.07
N ASN A 242 2.15 17.52 -7.82
CA ASN A 242 2.43 16.13 -7.49
C ASN A 242 1.26 15.21 -7.87
N ILE A 243 0.04 15.68 -7.64
CA ILE A 243 -1.13 14.90 -7.95
C ILE A 243 -1.13 14.58 -9.43
N ASN A 244 -0.89 15.59 -10.26
CA ASN A 244 -0.94 15.36 -11.70
C ASN A 244 0.23 14.54 -12.20
N TYR A 245 1.40 14.70 -11.59
CA TYR A 245 2.54 13.87 -11.94
C TYR A 245 2.28 12.40 -11.68
N ILE A 246 1.83 12.08 -10.48
CA ILE A 246 1.55 10.68 -10.15
C ILE A 246 0.33 10.11 -10.89
N ALA A 247 -0.72 10.90 -11.06
CA ALA A 247 -1.91 10.40 -11.73
C ALA A 247 -1.60 9.91 -13.16
N GLN A 248 -0.57 10.49 -13.80
CA GLN A 248 -0.28 10.15 -15.20
C GLN A 248 -0.02 8.63 -15.38
N PHE A 249 0.39 7.95 -14.31
CA PHE A 249 0.73 6.53 -14.39
C PHE A 249 -0.48 5.58 -14.17
N TRP A 250 -1.69 6.11 -14.16
CA TRP A 250 -2.89 5.29 -13.87
C TRP A 250 -3.05 4.07 -14.78
N GLY A 251 -2.64 4.21 -16.04
CA GLY A 251 -2.84 3.14 -17.01
C GLY A 251 -1.59 2.33 -17.27
N ASN A 252 -0.48 2.71 -16.63
CA ASN A 252 0.79 2.00 -16.80
C ASN A 252 0.74 0.62 -16.16
N LYS A 253 1.32 -0.38 -16.82
CA LYS A 253 1.50 -1.66 -16.17
C LYS A 253 2.40 -1.45 -14.97
N PRO A 254 2.23 -2.27 -13.92
CA PRO A 254 3.14 -2.19 -12.76
C PRO A 254 4.59 -2.25 -13.18
N GLU A 255 5.43 -1.47 -12.50
CA GLU A 255 6.85 -1.44 -12.81
C GLU A 255 7.49 -2.79 -12.48
N PHE A 256 7.05 -3.40 -11.40
CA PHE A 256 7.55 -4.71 -11.04
C PHE A 256 6.62 -5.77 -11.65
N ASN A 257 7.19 -6.64 -12.47
CA ASN A 257 6.46 -7.65 -13.21
C ASN A 257 6.39 -8.98 -12.47
N ALA A 258 5.27 -9.23 -11.79
CA ALA A 258 5.07 -10.45 -11.03
C ALA A 258 4.92 -11.66 -11.95
N TYR A 259 4.64 -11.41 -13.23
CA TYR A 259 4.23 -12.49 -14.13
C TYR A 259 5.39 -13.22 -14.78
N LYS A 260 6.59 -12.82 -14.49
CA LYS A 260 7.73 -13.51 -15.08
C LYS A 260 8.34 -14.57 -14.16
N TYR A 261 7.69 -14.80 -13.01
CA TYR A 261 8.19 -15.75 -12.03
C TYR A 261 7.36 -17.01 -12.06
N ASP A 262 8.02 -18.16 -11.99
CA ASP A 262 7.34 -19.45 -11.91
C ASP A 262 7.19 -19.83 -10.45
N PHE A 263 5.97 -19.70 -9.91
CA PHE A 263 5.77 -19.84 -8.47
C PHE A 263 5.73 -21.30 -8.03
N THR A 264 5.98 -22.22 -8.96
CA THR A 264 6.26 -23.61 -8.64
C THR A 264 7.76 -23.87 -8.48
N SER A 265 8.59 -22.87 -8.80
CA SER A 265 10.04 -22.97 -8.65
C SER A 265 10.46 -22.32 -7.35
N GLU A 266 11.19 -23.07 -6.54
CA GLU A 266 11.69 -22.56 -5.27
C GLU A 266 12.67 -21.44 -5.50
N ASP A 267 13.47 -21.55 -6.56
CA ASP A 267 14.41 -20.46 -6.88
C ASP A 267 13.63 -19.19 -7.29
N ASP A 268 12.59 -19.33 -8.11
CA ASP A 268 11.84 -18.15 -8.52
C ASP A 268 11.04 -17.53 -7.39
N LYS A 269 10.53 -18.34 -6.47
CA LYS A 269 9.87 -17.80 -5.28
C LYS A 269 10.82 -16.91 -4.46
N LYS A 270 12.02 -17.41 -4.23
CA LYS A 270 13.02 -16.65 -3.50
C LYS A 270 13.38 -15.35 -4.22
N SER A 271 13.60 -15.45 -5.53
CA SER A 271 13.90 -14.27 -6.34
C SER A 271 12.77 -13.27 -6.27
N PHE A 272 11.53 -13.76 -6.39
CA PHE A 272 10.36 -12.88 -6.40
C PHE A 272 10.33 -11.95 -5.18
N PHE A 273 10.42 -12.52 -3.98
CA PHE A 273 10.29 -11.71 -2.78
C PHE A 273 11.49 -10.79 -2.61
N LYS A 274 12.67 -11.31 -2.95
CA LYS A 274 13.89 -10.49 -2.87
C LYS A 274 13.82 -9.32 -3.86
N ASP A 275 13.47 -9.64 -5.09
CA ASP A 275 13.38 -8.63 -6.15
C ASP A 275 12.31 -7.58 -5.83
N TRP A 276 11.21 -8.04 -5.24
CA TRP A 276 10.17 -7.09 -4.80
C TRP A 276 10.75 -6.11 -3.80
N GLN A 277 11.48 -6.60 -2.81
CA GLN A 277 11.92 -5.70 -1.74
C GLN A 277 12.92 -4.69 -2.31
N GLN A 278 13.73 -5.13 -3.26
CA GLN A 278 14.73 -4.27 -3.88
C GLN A 278 14.03 -3.15 -4.65
N TYR A 279 13.02 -3.50 -5.43
CA TYR A 279 12.22 -2.52 -6.17
C TYR A 279 11.54 -1.51 -5.25
N TYR A 280 10.88 -2.02 -4.23
CA TYR A 280 9.98 -1.21 -3.41
C TYR A 280 10.72 -0.31 -2.41
N SER A 281 11.78 -0.84 -1.82
CA SER A 281 12.42 -0.18 -0.69
C SER A 281 13.61 0.70 -1.09
N ASN A 282 14.23 0.39 -2.22
CA ASN A 282 15.50 1.03 -2.61
C ASN A 282 15.40 1.88 -3.86
N VAL A 283 16.45 2.66 -4.14
CA VAL A 283 16.47 3.52 -5.32
C VAL A 283 16.94 2.74 -6.55
N ASN A 284 16.19 2.85 -7.64
CA ASN A 284 16.50 2.09 -8.85
C ASN A 284 16.41 2.95 -10.10
OAY YPE B 2 5.36 -24.70 15.25
CAU YPE B 2 3.29 -25.22 11.71
CAT YPE B 2 9.14 -18.12 9.76
CAS YPE B 2 9.86 -19.37 9.22
CAR YPE B 2 8.87 -20.33 8.63
CAN YPE B 2 3.37 -25.26 10.26
CAP YPE B 2 2.51 -26.11 9.58
CAO YPE B 2 2.57 -26.17 8.19
CAM YPE B 2 4.29 -24.47 9.56
CAL YPE B 2 5.16 -23.62 10.24
CAK YPE B 2 6.07 -22.84 9.53
CAD YPE B 2 6.12 -22.90 8.14
CAF YPE B 2 5.25 -23.76 7.47
CAI YPE B 2 4.34 -24.54 8.17
CAJ YPE B 2 3.47 -25.39 7.49
CAH YPE B 2 3.51 -25.46 6.10
CAG YPE B 2 4.42 -24.68 5.40
CAE YPE B 2 5.29 -23.82 6.07
CAB YPE B 2 6.19 -23.06 5.36
CAA YPE B 2 7.05 -22.21 6.03
CAC YPE B 2 7.03 -22.12 7.41
CAQ YPE B 2 7.96 -21.20 8.07
CAV YPE B 2 3.20 -25.21 13.01
CAW YPE B 2 3.09 -25.19 14.48
CAX YPE B 2 4.36 -25.73 15.12
OAZ YPE B 2 9.98 -16.95 9.67
OBB YPE B 2 6.67 -22.93 13.98
PBA YPE B 2 6.46 -24.40 14.08
OBD YPE B 2 6.15 -25.18 12.87
OAY YPF C 10 -4.10 -23.00 5.88
CAU YPF C 10 -0.67 -22.38 7.34
CAT YPF C 10 5.46 -18.66 4.86
CAS YPF C 10 6.02 -17.86 6.04
CAR YPF C 10 5.56 -18.48 7.25
CAN YPF C 10 -0.04 -22.36 8.60
CAP YPF C 10 -0.61 -23.03 9.67
CAO YPF C 10 -0.02 -23.01 10.93
CAM YPF C 10 1.15 -21.67 8.79
CAD YPF C 10 3.50 -20.31 9.13
CAF YPF C 10 2.94 -20.97 10.21
CAI YPF C 10 1.75 -21.66 10.04
CAJ YPF C 10 1.18 -22.32 11.11
CAH YPF C 10 1.79 -22.30 12.36
CAG YPF C 10 2.99 -21.60 12.53
CAE YPF C 10 3.56 -20.94 11.45
CAB YPF C 10 4.76 -20.24 11.61
CAA YPF C 10 5.32 -19.58 10.51
CAC YPF C 10 4.68 -19.62 9.27
CAQ YPF C 10 5.20 -18.97 8.15
CAV YPF C 10 -1.25 -22.42 6.23
CAW YPF C 10 -1.93 -22.47 4.92
CAX YPF C 10 -3.39 -22.03 5.09
OAZ YPF C 10 5.12 -17.75 3.80
OBB YPF C 10 -6.37 -21.98 5.39
PBA YPF C 10 -5.53 -22.56 6.46
OBD YPF C 10 -6.19 -23.87 7.15
#